data_6NWM
#
_entry.id   6NWM
#
_cell.length_a   46.439
_cell.length_b   87.528
_cell.length_c   118.974
_cell.angle_alpha   90.00
_cell.angle_beta   90.00
_cell.angle_gamma   90.00
#
_symmetry.space_group_name_H-M   'P 2 21 21'
#
loop_
_entity.id
_entity.type
_entity.pdbx_description
1 polymer 'Transcriptional regulator BgaR'
2 branched beta-D-galactopyranose-(1-4)-beta-D-fructofuranose
3 water water
#
_entity_poly.entity_id   1
_entity_poly.type   'polypeptide(L)'
_entity_poly.pdbx_seq_one_letter_code
;MQILWKKYVKENFEMNVDECGIEQGIPGLGYNYEVLKNAVIHYVTKGYGTFKFNGKVYNLKQGDIFILLKGMQVEYVASI
DDPWEYYWIGFSGSNANEYLNRTSITNSCVANCEENSKIPQIILNMCEISKTYNPSRSDDILLLKELYSLLYALIEEFPK
PFEYKDKELHLVPRGSHHHHHH
;
_entity_poly.pdbx_strand_id   A,B
#
loop_
_chem_comp.id
_chem_comp.type
_chem_comp.name
_chem_comp.formula
FRU D-saccharide, beta linking beta-D-fructofuranose 'C6 H12 O6'
GAL D-saccharide, beta linking beta-D-galactopyranose 'C6 H12 O6'
#
# COMPACT_ATOMS: atom_id res chain seq x y z
N MET A 1 31.68 -4.60 3.94
CA MET A 1 30.46 -4.52 3.10
C MET A 1 29.20 -4.53 3.99
N GLN A 2 28.06 -4.86 3.37
CA GLN A 2 26.71 -4.83 3.98
C GLN A 2 26.13 -6.24 3.93
N ILE A 3 25.45 -6.67 5.00
CA ILE A 3 24.62 -7.91 5.07
C ILE A 3 23.63 -7.88 3.89
N LEU A 4 22.97 -6.73 3.65
CA LEU A 4 22.00 -6.54 2.55
C LEU A 4 22.12 -5.11 2.00
N TRP A 5 22.11 -4.97 0.67
CA TRP A 5 21.99 -3.64 0.01
C TRP A 5 21.31 -3.85 -1.36
N LYS A 6 19.99 -3.95 -1.35
CA LYS A 6 19.17 -4.14 -2.57
C LYS A 6 18.80 -2.77 -3.12
N LYS A 7 19.30 -2.43 -4.31
CA LYS A 7 18.94 -1.16 -5.00
C LYS A 7 17.88 -1.50 -6.05
N TYR A 8 16.76 -0.78 -6.05
CA TYR A 8 15.66 -0.97 -7.03
C TYR A 8 15.76 0.09 -8.12
N VAL A 9 15.20 -0.18 -9.29
CA VAL A 9 15.08 0.80 -10.40
C VAL A 9 14.07 1.87 -9.95
N LYS A 10 14.22 3.11 -10.42
CA LYS A 10 13.28 4.24 -10.19
C LYS A 10 12.26 4.22 -11.35
N GLU A 11 11.31 3.28 -11.31
CA GLU A 11 10.19 3.11 -12.26
C GLU A 11 8.92 3.86 -11.78
N ASN A 12 8.78 4.19 -10.50
CA ASN A 12 7.52 4.87 -10.03
C ASN A 12 7.89 6.27 -9.58
N PHE A 13 6.98 7.23 -9.70
CA PHE A 13 7.24 8.66 -9.43
C PHE A 13 6.25 9.20 -8.40
N GLU A 14 5.23 8.45 -8.02
CA GLU A 14 4.29 8.88 -6.96
C GLU A 14 4.76 8.24 -5.64
N MET A 15 5.22 7.01 -5.70
CA MET A 15 5.64 6.20 -4.53
C MET A 15 6.58 5.10 -5.03
N ASN A 16 7.79 5.04 -4.51
CA ASN A 16 8.84 4.11 -5.04
C ASN A 16 9.71 3.64 -3.88
N VAL A 17 9.94 2.34 -3.79
CA VAL A 17 10.95 1.79 -2.87
C VAL A 17 12.27 1.79 -3.64
N ASP A 18 13.19 2.68 -3.25
CA ASP A 18 14.51 2.88 -3.92
C ASP A 18 15.49 1.79 -3.50
N GLU A 19 15.54 1.43 -2.21
CA GLU A 19 16.52 0.42 -1.73
C GLU A 19 16.13 0.00 -0.31
N CYS A 20 16.60 -1.15 0.09
CA CYS A 20 16.46 -1.72 1.44
C CYS A 20 17.82 -2.26 1.84
N GLY A 21 18.24 -2.08 3.10
CA GLY A 21 19.59 -2.49 3.51
C GLY A 21 19.65 -2.96 4.95
N ILE A 22 20.66 -3.76 5.26
CA ILE A 22 21.06 -4.11 6.66
C ILE A 22 22.57 -3.92 6.75
N GLU A 23 23.03 -3.15 7.74
CA GLU A 23 24.49 -2.96 7.95
C GLU A 23 24.85 -3.16 9.42
N GLN A 24 25.78 -4.07 9.68
CA GLN A 24 26.49 -4.17 10.98
C GLN A 24 27.72 -3.26 10.95
N GLY A 25 27.72 -2.17 11.73
CA GLY A 25 28.83 -1.22 11.84
C GLY A 25 30.09 -1.90 12.37
N ILE A 26 31.24 -1.45 11.88
CA ILE A 26 32.60 -1.72 12.43
C ILE A 26 32.87 -0.62 13.46
N PRO A 27 33.33 -0.95 14.69
CA PRO A 27 33.58 0.04 15.74
C PRO A 27 34.27 1.34 15.32
N GLY A 28 33.64 2.47 15.65
CA GLY A 28 34.19 3.82 15.44
C GLY A 28 34.17 4.27 14.00
N LEU A 29 33.59 3.48 13.09
CA LEU A 29 33.53 3.79 11.64
C LEU A 29 32.08 4.12 11.26
N GLY A 30 31.93 4.93 10.22
CA GLY A 30 30.65 5.19 9.54
C GLY A 30 30.87 6.09 8.35
N TYR A 31 30.07 7.14 8.22
CA TYR A 31 29.86 7.87 6.96
C TYR A 31 29.67 9.33 7.30
N ASN A 32 30.16 10.18 6.40
CA ASN A 32 30.13 11.65 6.50
C ASN A 32 29.94 12.15 5.08
N TYR A 33 28.75 12.64 4.72
CA TYR A 33 28.44 13.05 3.33
C TYR A 33 27.20 13.93 3.33
N GLU A 34 27.01 14.64 2.23
CA GLU A 34 25.75 15.32 1.87
C GLU A 34 24.82 14.29 1.20
N VAL A 35 23.62 14.13 1.76
CA VAL A 35 22.62 13.14 1.26
C VAL A 35 22.17 13.57 -0.16
N LEU A 36 22.32 12.66 -1.11
CA LEU A 36 21.87 12.76 -2.52
C LEU A 36 20.50 12.09 -2.70
N LYS A 37 20.22 11.01 -1.96
CA LYS A 37 18.96 10.22 -2.10
C LYS A 37 17.79 11.02 -1.53
N ASN A 38 16.57 10.66 -1.91
CA ASN A 38 15.36 11.46 -1.60
C ASN A 38 15.13 11.36 -0.09
N ALA A 39 15.03 10.14 0.43
CA ALA A 39 14.71 9.89 1.85
C ALA A 39 15.15 8.48 2.21
N VAL A 40 15.78 8.33 3.37
CA VAL A 40 16.25 7.01 3.85
C VAL A 40 16.00 6.93 5.35
N ILE A 41 15.10 6.06 5.76
CA ILE A 41 14.78 5.82 7.19
C ILE A 41 15.60 4.64 7.66
N HIS A 42 16.29 4.85 8.79
CA HIS A 42 17.15 3.86 9.47
C HIS A 42 16.49 3.49 10.80
N TYR A 43 16.44 2.21 11.09
CA TYR A 43 15.96 1.67 12.38
C TYR A 43 17.14 0.93 13.04
N VAL A 44 17.49 1.33 14.26
CA VAL A 44 18.62 0.70 15.03
C VAL A 44 18.10 -0.58 15.70
N THR A 45 18.59 -1.75 15.29
CA THR A 45 18.14 -3.06 15.81
C THR A 45 19.02 -3.55 16.96
N LYS A 46 20.29 -3.14 16.99
CA LYS A 46 21.25 -3.52 18.07
C LYS A 46 22.27 -2.43 18.27
N GLY A 47 22.92 -2.45 19.43
CA GLY A 47 24.14 -1.67 19.66
C GLY A 47 23.82 -0.20 19.76
N TYR A 48 24.83 0.61 19.47
CA TYR A 48 24.88 2.06 19.73
C TYR A 48 25.62 2.71 18.57
N GLY A 49 25.32 3.97 18.34
CA GLY A 49 26.04 4.80 17.35
C GLY A 49 25.63 6.22 17.54
N THR A 50 26.24 7.14 16.80
N THR A 50 26.24 7.12 16.78
CA THR A 50 26.00 8.59 16.91
CA THR A 50 26.06 8.59 16.88
C THR A 50 25.56 9.11 15.54
C THR A 50 25.56 9.10 15.52
N PHE A 51 24.59 10.02 15.54
CA PHE A 51 24.07 10.71 14.35
C PHE A 51 24.30 12.20 14.58
N LYS A 52 25.05 12.83 13.69
CA LYS A 52 25.41 14.27 13.74
C LYS A 52 24.78 14.97 12.53
N PHE A 53 24.05 16.06 12.81
CA PHE A 53 23.25 16.83 11.84
C PHE A 53 22.95 18.21 12.44
N ASN A 54 23.30 19.29 11.74
CA ASN A 54 22.87 20.68 12.06
C ASN A 54 23.36 21.07 13.48
N GLY A 55 24.59 20.68 13.81
CA GLY A 55 25.27 21.04 15.06
C GLY A 55 24.92 20.13 16.22
N LYS A 56 23.97 19.22 16.06
CA LYS A 56 23.50 18.38 17.20
C LYS A 56 24.13 16.99 17.08
N VAL A 57 24.41 16.38 18.22
CA VAL A 57 25.03 15.03 18.27
C VAL A 57 24.12 14.14 19.11
N TYR A 58 23.51 13.16 18.46
CA TYR A 58 22.54 12.22 19.08
C TYR A 58 23.25 10.90 19.31
N ASN A 59 23.13 10.39 20.53
CA ASN A 59 23.63 9.05 20.90
C ASN A 59 22.43 8.11 20.79
N LEU A 60 22.44 7.20 19.83
CA LEU A 60 21.26 6.38 19.50
C LEU A 60 21.52 4.93 19.93
N LYS A 61 20.45 4.19 20.12
CA LYS A 61 20.51 2.77 20.54
C LYS A 61 19.35 2.01 19.90
N GLN A 62 19.17 0.74 20.27
CA GLN A 62 18.09 -0.14 19.79
C GLN A 62 16.75 0.58 20.00
N GLY A 63 15.89 0.62 18.98
CA GLY A 63 14.56 1.27 19.04
C GLY A 63 14.54 2.63 18.35
N ASP A 64 15.71 3.24 18.15
CA ASP A 64 15.83 4.61 17.62
C ASP A 64 15.75 4.58 16.10
N ILE A 65 15.23 5.68 15.54
N ILE A 65 15.29 5.69 15.55
CA ILE A 65 15.18 5.90 14.08
CA ILE A 65 15.15 5.94 14.10
C ILE A 65 15.86 7.24 13.78
C ILE A 65 15.86 7.25 13.78
N PHE A 66 16.52 7.32 12.63
CA PHE A 66 17.02 8.60 12.08
C PHE A 66 16.67 8.58 10.61
N ILE A 67 16.38 9.74 10.05
N ILE A 67 16.40 9.75 10.05
CA ILE A 67 15.96 9.84 8.63
CA ILE A 67 15.96 9.87 8.64
C ILE A 67 16.89 10.80 7.90
C ILE A 67 16.92 10.82 7.90
N LEU A 68 17.44 10.36 6.77
CA LEU A 68 18.29 11.17 5.87
C LEU A 68 17.38 11.71 4.78
N LEU A 69 17.45 13.01 4.52
CA LEU A 69 16.69 13.67 3.45
C LEU A 69 17.68 14.37 2.52
N LYS A 70 17.32 14.47 1.25
CA LYS A 70 18.18 15.06 0.20
C LYS A 70 18.75 16.37 0.74
N GLY A 71 20.08 16.54 0.68
CA GLY A 71 20.72 17.83 0.95
C GLY A 71 21.21 17.96 2.39
N MET A 72 20.82 17.08 3.31
CA MET A 72 21.34 17.09 4.68
C MET A 72 22.83 16.73 4.67
N GLN A 73 23.65 17.51 5.36
CA GLN A 73 25.08 17.19 5.65
C GLN A 73 25.08 16.36 6.95
N VAL A 74 25.51 15.10 6.87
CA VAL A 74 25.31 14.15 8.01
C VAL A 74 26.59 13.39 8.32
N GLU A 75 26.67 12.91 9.55
CA GLU A 75 27.70 11.93 9.96
C GLU A 75 27.01 10.91 10.87
N TYR A 76 27.19 9.63 10.59
CA TYR A 76 26.66 8.57 11.48
C TYR A 76 27.71 7.50 11.60
N VAL A 77 28.05 7.17 12.85
CA VAL A 77 29.26 6.38 13.21
C VAL A 77 28.89 5.38 14.30
N ALA A 78 29.33 4.14 14.14
CA ALA A 78 29.13 3.06 15.14
C ALA A 78 29.96 3.35 16.39
N SER A 79 29.41 3.02 17.56
CA SER A 79 30.07 3.01 18.89
C SER A 79 31.35 2.16 18.82
N ILE A 80 32.42 2.61 19.48
CA ILE A 80 33.70 1.85 19.63
C ILE A 80 33.45 0.55 20.40
N ASP A 81 32.61 0.58 21.44
CA ASP A 81 32.46 -0.53 22.41
C ASP A 81 31.47 -1.57 21.91
N ASP A 82 30.39 -1.14 21.25
CA ASP A 82 29.20 -1.99 20.99
C ASP A 82 28.51 -1.47 19.73
N PRO A 83 29.07 -1.75 18.53
CA PRO A 83 28.68 -1.06 17.31
C PRO A 83 27.27 -1.46 16.85
N TRP A 84 26.49 -0.47 16.41
CA TRP A 84 25.07 -0.71 16.02
C TRP A 84 24.97 -1.58 14.76
N GLU A 85 23.86 -2.31 14.68
CA GLU A 85 23.24 -2.78 13.42
C GLU A 85 22.02 -1.92 13.15
N TYR A 86 21.84 -1.49 11.89
CA TYR A 86 20.63 -0.78 11.46
C TYR A 86 20.10 -1.40 10.15
N TYR A 87 18.78 -1.30 10.02
CA TYR A 87 17.99 -1.63 8.80
C TYR A 87 17.60 -0.30 8.16
N TRP A 88 17.61 -0.21 6.84
CA TRP A 88 17.17 1.06 6.21
C TRP A 88 16.30 0.81 4.99
N ILE A 89 15.34 1.71 4.81
CA ILE A 89 14.44 1.80 3.61
C ILE A 89 14.69 3.16 2.97
N GLY A 90 15.12 3.14 1.72
CA GLY A 90 15.21 4.32 0.85
C GLY A 90 13.97 4.41 -0.03
N PHE A 91 13.31 5.56 -0.06
CA PHE A 91 12.06 5.73 -0.82
C PHE A 91 12.00 7.13 -1.42
N SER A 92 11.11 7.28 -2.39
CA SER A 92 10.91 8.53 -3.17
C SER A 92 9.49 8.58 -3.74
N GLY A 93 9.20 9.67 -4.45
CA GLY A 93 7.93 9.93 -5.12
C GLY A 93 7.27 11.15 -4.53
N SER A 94 6.44 11.81 -5.33
CA SER A 94 5.65 13.02 -4.93
C SER A 94 4.72 12.68 -3.77
N ASN A 95 4.09 11.50 -3.76
CA ASN A 95 3.17 11.13 -2.66
C ASN A 95 4.03 10.91 -1.40
N ALA A 96 5.12 10.15 -1.52
CA ALA A 96 6.03 9.88 -0.38
C ALA A 96 6.38 11.20 0.31
N ASN A 97 6.76 12.23 -0.45
CA ASN A 97 7.26 13.51 0.12
C ASN A 97 6.08 14.28 0.73
N GLU A 98 4.89 14.19 0.16
CA GLU A 98 3.71 14.82 0.79
C GLU A 98 3.46 14.14 2.14
N TYR A 99 3.56 12.81 2.21
CA TYR A 99 3.18 12.07 3.46
C TYR A 99 4.21 12.37 4.56
N LEU A 100 5.49 12.47 4.19
CA LEU A 100 6.59 12.76 5.16
C LEU A 100 6.34 14.11 5.85
N ASN A 101 5.77 15.08 5.14
CA ASN A 101 5.48 16.44 5.66
C ASN A 101 4.23 16.44 6.52
N ARG A 102 3.56 15.30 6.70
CA ARG A 102 2.47 15.15 7.69
C ARG A 102 3.00 14.53 8.99
N THR A 103 4.31 14.33 9.09
N THR A 103 4.31 14.33 9.09
CA THR A 103 5.00 13.80 10.29
CA THR A 103 5.00 13.80 10.29
C THR A 103 5.87 14.90 10.91
C THR A 103 5.88 14.90 10.91
N SER A 104 6.06 14.84 12.23
CA SER A 104 6.90 15.82 12.98
C SER A 104 8.38 15.43 12.94
N ILE A 105 8.70 14.29 12.34
CA ILE A 105 10.07 13.67 12.30
C ILE A 105 11.01 14.45 11.37
N THR A 106 10.48 15.21 10.41
CA THR A 106 11.29 15.70 9.27
C THR A 106 12.08 16.95 9.62
N ASN A 107 11.91 17.50 10.82
CA ASN A 107 12.71 18.69 11.26
C ASN A 107 13.95 18.20 12.00
N SER A 108 13.79 17.42 13.07
CA SER A 108 14.93 16.94 13.88
C SER A 108 15.57 15.69 13.23
N CYS A 109 14.78 14.86 12.55
CA CYS A 109 15.21 13.67 11.76
C CYS A 109 15.62 12.52 12.68
N VAL A 110 15.17 12.55 13.93
CA VAL A 110 15.49 11.50 14.94
C VAL A 110 14.24 11.22 15.74
N ALA A 111 14.01 9.99 16.11
CA ALA A 111 12.90 9.65 17.03
C ALA A 111 13.19 8.32 17.70
N ASN A 112 12.38 8.00 18.71
CA ASN A 112 12.37 6.68 19.40
C ASN A 112 11.04 5.97 19.14
N CYS A 113 11.08 4.70 18.75
CA CYS A 113 9.88 3.85 18.62
C CYS A 113 9.37 3.41 19.98
N GLU A 114 8.10 3.74 20.29
CA GLU A 114 7.33 3.28 21.47
C GLU A 114 7.24 1.74 21.47
N GLU A 115 6.98 1.16 22.65
CA GLU A 115 6.91 -0.30 22.94
C GLU A 115 6.03 -1.02 21.93
N ASN A 116 4.90 -0.41 21.57
CA ASN A 116 3.84 -1.02 20.74
C ASN A 116 3.92 -0.51 19.29
N SER A 117 4.98 0.19 18.91
CA SER A 117 5.16 0.76 17.55
C SER A 117 5.00 -0.33 16.48
N LYS A 118 4.35 0.03 15.38
CA LYS A 118 4.17 -0.84 14.19
C LYS A 118 5.36 -0.67 13.24
N ILE A 119 6.22 0.33 13.48
CA ILE A 119 7.29 0.70 12.51
C ILE A 119 8.34 -0.41 12.42
N PRO A 120 8.86 -0.98 13.53
CA PRO A 120 9.93 -1.98 13.43
C PRO A 120 9.57 -3.19 12.57
N GLN A 121 8.39 -3.76 12.76
N GLN A 121 8.37 -3.75 12.77
CA GLN A 121 8.03 -4.99 11.98
CA GLN A 121 7.91 -4.94 12.02
C GLN A 121 7.87 -4.62 10.51
C GLN A 121 7.86 -4.62 10.52
N ILE A 122 7.38 -3.44 10.16
CA ILE A 122 7.29 -3.06 8.71
C ILE A 122 8.69 -3.00 8.10
N ILE A 123 9.63 -2.31 8.75
CA ILE A 123 10.99 -2.11 8.18
C ILE A 123 11.68 -3.48 8.06
N LEU A 124 11.55 -4.35 9.07
CA LEU A 124 12.20 -5.68 9.08
C LEU A 124 11.60 -6.53 7.97
N ASN A 125 10.27 -6.49 7.83
CA ASN A 125 9.53 -7.21 6.76
C ASN A 125 9.98 -6.72 5.38
N MET A 126 10.16 -5.41 5.16
CA MET A 126 10.59 -4.94 3.81
C MET A 126 12.00 -5.49 3.50
N CYS A 127 12.89 -5.50 4.49
CA CYS A 127 14.28 -5.99 4.31
C CYS A 127 14.28 -7.50 4.04
N GLU A 128 13.44 -8.26 4.76
CA GLU A 128 13.28 -9.73 4.55
C GLU A 128 12.84 -9.99 3.11
N ILE A 129 11.82 -9.30 2.62
CA ILE A 129 11.32 -9.45 1.23
C ILE A 129 12.47 -9.14 0.27
N SER A 130 13.24 -8.10 0.55
CA SER A 130 14.32 -7.60 -0.34
C SER A 130 15.41 -8.68 -0.54
N LYS A 131 15.62 -9.57 0.45
CA LYS A 131 16.67 -10.61 0.40
C LYS A 131 16.44 -11.58 -0.76
N THR A 132 15.18 -11.88 -1.09
CA THR A 132 14.80 -12.87 -2.13
C THR A 132 13.83 -12.24 -3.13
N TYR A 133 13.92 -10.91 -3.31
CA TYR A 133 13.02 -10.11 -4.17
C TYR A 133 12.75 -10.86 -5.47
N ASN A 134 11.47 -11.16 -5.72
CA ASN A 134 11.03 -11.84 -6.96
C ASN A 134 9.77 -11.13 -7.48
N PRO A 135 9.91 -10.22 -8.47
CA PRO A 135 8.78 -9.48 -9.02
C PRO A 135 7.76 -10.37 -9.72
N SER A 136 8.19 -11.50 -10.28
CA SER A 136 7.31 -12.47 -10.94
C SER A 136 6.37 -13.11 -9.91
N ARG A 137 6.77 -13.22 -8.63
CA ARG A 137 5.85 -13.58 -7.51
C ARG A 137 5.23 -12.32 -6.84
N SER A 138 5.26 -11.16 -7.50
CA SER A 138 4.56 -9.91 -7.07
C SER A 138 5.10 -9.36 -5.73
N ASP A 139 6.38 -9.57 -5.44
CA ASP A 139 7.10 -8.90 -4.31
C ASP A 139 7.12 -7.39 -4.50
N ASP A 140 7.07 -6.89 -5.73
CA ASP A 140 7.01 -5.44 -6.03
C ASP A 140 5.73 -4.83 -5.45
N ILE A 141 4.60 -5.51 -5.56
CA ILE A 141 3.29 -5.04 -5.01
C ILE A 141 3.40 -5.00 -3.49
N LEU A 142 4.00 -6.04 -2.92
CA LEU A 142 4.09 -6.21 -1.45
C LEU A 142 4.98 -5.13 -0.83
N LEU A 143 6.10 -4.81 -1.47
CA LEU A 143 7.00 -3.73 -0.97
C LEU A 143 6.28 -2.38 -0.99
N LEU A 144 5.49 -2.10 -2.02
CA LEU A 144 4.76 -0.82 -2.10
C LEU A 144 3.67 -0.77 -1.02
N LYS A 145 2.91 -1.84 -0.87
CA LYS A 145 1.92 -1.96 0.24
C LYS A 145 2.62 -1.63 1.57
N GLU A 146 3.75 -2.23 1.81
CA GLU A 146 4.52 -2.06 3.08
C GLU A 146 5.02 -0.62 3.19
N LEU A 147 5.37 0.04 2.08
CA LEU A 147 5.84 1.44 2.17
C LEU A 147 4.65 2.36 2.53
N TYR A 148 3.46 2.13 1.98
CA TYR A 148 2.25 2.89 2.37
C TYR A 148 1.98 2.63 3.87
N SER A 149 2.10 1.38 4.34
CA SER A 149 1.91 1.04 5.78
C SER A 149 2.92 1.81 6.64
N LEU A 150 4.17 1.85 6.20
CA LEU A 150 5.28 2.53 6.96
C LEU A 150 4.94 4.01 7.14
N LEU A 151 4.59 4.69 6.05
CA LEU A 151 4.34 6.14 6.08
C LEU A 151 3.09 6.44 6.92
N TYR A 152 2.07 5.58 6.86
CA TYR A 152 0.84 5.69 7.70
C TYR A 152 1.25 5.56 9.17
N ALA A 153 2.10 4.59 9.49
CA ALA A 153 2.59 4.31 10.86
C ALA A 153 3.41 5.52 11.37
N LEU A 154 4.24 6.14 10.52
CA LEU A 154 5.05 7.32 10.93
C LEU A 154 4.10 8.47 11.30
N ILE A 155 3.01 8.66 10.54
CA ILE A 155 2.06 9.80 10.76
C ILE A 155 1.26 9.52 12.03
N GLU A 156 0.83 8.28 12.21
CA GLU A 156 0.05 7.87 13.42
C GLU A 156 0.91 8.11 14.66
N GLU A 157 2.17 7.68 14.66
CA GLU A 157 3.01 7.68 15.88
C GLU A 157 3.73 9.02 16.04
N PHE A 158 3.92 9.80 14.97
CA PHE A 158 4.69 11.06 14.98
C PHE A 158 3.94 12.13 14.19
N PRO A 159 2.69 12.44 14.59
CA PRO A 159 1.85 13.40 13.87
C PRO A 159 2.29 14.85 14.03
N LYS A 160 2.16 15.63 12.96
CA LYS A 160 2.20 17.12 13.02
C LYS A 160 0.84 17.60 13.50
N PRO A 161 0.74 18.67 14.32
CA PRO A 161 -0.57 19.18 14.73
C PRO A 161 -1.48 19.49 13.52
N PHE A 162 -2.80 19.24 13.62
CA PHE A 162 -3.76 19.09 12.47
C PHE A 162 -3.99 20.44 11.76
N MET B 1 -31.64 2.52 -4.81
CA MET B 1 -30.57 3.57 -4.81
C MET B 1 -29.36 3.07 -4.01
N GLN B 2 -28.40 3.97 -3.73
CA GLN B 2 -27.10 3.56 -3.13
C GLN B 2 -27.02 4.03 -1.68
N ILE B 3 -26.86 3.07 -0.77
CA ILE B 3 -26.48 3.25 0.67
C ILE B 3 -25.20 4.10 0.71
N LEU B 4 -24.20 3.80 -0.12
CA LEU B 4 -22.91 4.55 -0.20
C LEU B 4 -22.48 4.67 -1.67
N TRP B 5 -22.02 5.87 -2.06
CA TRP B 5 -21.38 6.09 -3.38
C TRP B 5 -20.40 7.26 -3.25
N LYS B 6 -19.21 6.97 -2.76
CA LYS B 6 -18.14 7.99 -2.59
C LYS B 6 -17.31 8.03 -3.88
N LYS B 7 -17.34 9.14 -4.59
CA LYS B 7 -16.48 9.34 -5.79
C LYS B 7 -15.28 10.20 -5.37
N TYR B 8 -14.06 9.76 -5.68
CA TYR B 8 -12.81 10.48 -5.37
C TYR B 8 -12.31 11.19 -6.64
N VAL B 9 -11.49 12.24 -6.49
CA VAL B 9 -10.77 12.89 -7.63
C VAL B 9 -9.72 11.91 -8.16
N LYS B 10 -9.42 11.98 -9.45
CA LYS B 10 -8.39 11.16 -10.13
C LYS B 10 -7.10 11.99 -10.14
N GLU B 11 -6.42 12.06 -8.99
CA GLU B 11 -5.15 12.84 -8.81
C GLU B 11 -3.90 11.96 -8.89
N ASN B 12 -4.02 10.64 -8.87
CA ASN B 12 -2.83 9.74 -8.96
C ASN B 12 -2.92 8.97 -10.27
N PHE B 13 -1.80 8.61 -10.87
CA PHE B 13 -1.76 7.95 -12.20
C PHE B 13 -1.06 6.60 -12.14
N GLU B 14 -0.42 6.23 -11.02
CA GLU B 14 0.18 4.87 -10.88
C GLU B 14 -0.85 3.96 -10.18
N MET B 15 -1.59 4.52 -9.24
CA MET B 15 -2.58 3.79 -8.40
C MET B 15 -3.53 4.82 -7.81
N ASN B 16 -4.82 4.65 -8.05
CA ASN B 16 -5.84 5.62 -7.60
C ASN B 16 -7.10 4.87 -7.16
N VAL B 17 -7.67 5.23 -6.02
CA VAL B 17 -9.00 4.74 -5.60
C VAL B 17 -10.00 5.76 -6.16
N ASP B 18 -10.77 5.34 -7.17
CA ASP B 18 -11.71 6.21 -7.92
C ASP B 18 -13.02 6.36 -7.15
N GLU B 19 -13.55 5.27 -6.59
N GLU B 19 -13.53 5.27 -6.57
CA GLU B 19 -14.84 5.31 -5.84
CA GLU B 19 -14.83 5.30 -5.83
C GLU B 19 -15.02 4.01 -5.06
C GLU B 19 -15.02 4.00 -5.07
N CYS B 20 -15.86 4.05 -4.04
CA CYS B 20 -16.27 2.91 -3.21
C CYS B 20 -17.77 3.01 -3.05
N GLY B 21 -18.48 1.89 -3.08
CA GLY B 21 -19.95 1.92 -3.04
C GLY B 21 -20.55 0.73 -2.33
N ILE B 22 -21.77 0.90 -1.83
CA ILE B 22 -22.63 -0.23 -1.38
C ILE B 22 -24.01 0.00 -1.99
N GLU B 23 -24.57 -1.01 -2.66
CA GLU B 23 -25.94 -0.91 -3.24
C GLU B 23 -26.74 -2.16 -2.89
N GLN B 24 -27.89 -1.97 -2.26
CA GLN B 24 -28.96 -3.01 -2.16
C GLN B 24 -29.85 -2.89 -3.40
N GLY B 25 -29.81 -3.90 -4.28
CA GLY B 25 -30.58 -3.92 -5.54
C GLY B 25 -32.07 -3.99 -5.25
N ILE B 26 -32.84 -3.37 -6.13
CA ILE B 26 -34.32 -3.45 -6.19
C ILE B 26 -34.65 -4.60 -7.12
N PRO B 27 -35.56 -5.54 -6.74
CA PRO B 27 -35.89 -6.70 -7.56
C PRO B 27 -36.09 -6.47 -9.05
N GLY B 28 -35.37 -7.24 -9.86
CA GLY B 28 -35.48 -7.25 -11.32
C GLY B 28 -34.87 -6.03 -11.99
N LEU B 29 -34.25 -5.14 -11.22
CA LEU B 29 -33.62 -3.90 -11.76
C LEU B 29 -32.11 -4.04 -11.71
N GLY B 30 -31.48 -3.41 -12.68
CA GLY B 30 -30.03 -3.19 -12.67
C GLY B 30 -29.64 -2.22 -13.75
N TYR B 31 -28.55 -2.56 -14.43
CA TYR B 31 -27.77 -1.62 -15.25
C TYR B 31 -27.35 -2.38 -16.50
N ASN B 32 -27.34 -1.65 -17.61
CA ASN B 32 -26.98 -2.13 -18.94
C ASN B 32 -26.23 -0.96 -19.60
N TYR B 33 -24.91 -1.06 -19.74
CA TYR B 33 -24.09 0.06 -20.28
C TYR B 33 -22.74 -0.50 -20.70
N GLU B 34 -22.06 0.29 -21.51
CA GLU B 34 -20.61 0.14 -21.82
C GLU B 34 -19.84 0.78 -20.67
N VAL B 35 -18.94 0.00 -20.07
CA VAL B 35 -18.11 0.48 -18.92
C VAL B 35 -17.17 1.59 -19.44
N LEU B 36 -17.25 2.77 -18.82
CA LEU B 36 -16.36 3.94 -19.05
C LEU B 36 -15.20 3.96 -18.03
N LYS B 37 -15.45 3.51 -16.79
CA LYS B 37 -14.44 3.55 -15.69
C LYS B 37 -13.38 2.49 -15.96
N ASN B 38 -12.21 2.65 -15.33
CA ASN B 38 -11.01 1.84 -15.66
C ASN B 38 -11.28 0.41 -15.20
N ALA B 39 -11.67 0.24 -13.94
CA ALA B 39 -11.88 -1.08 -13.34
C ALA B 39 -12.76 -0.93 -12.12
N VAL B 40 -13.72 -1.84 -11.94
CA VAL B 40 -14.63 -1.80 -10.77
C VAL B 40 -14.87 -3.23 -10.29
N ILE B 41 -14.39 -3.56 -9.11
CA ILE B 41 -14.58 -4.90 -8.51
C ILE B 41 -15.78 -4.85 -7.58
N HIS B 42 -16.69 -5.80 -7.76
CA HIS B 42 -17.96 -5.96 -7.01
C HIS B 42 -17.86 -7.26 -6.21
N TYR B 43 -18.18 -7.18 -4.95
CA TYR B 43 -18.30 -8.36 -4.05
C TYR B 43 -19.76 -8.50 -3.63
N VAL B 44 -20.37 -9.65 -3.89
CA VAL B 44 -21.79 -9.92 -3.55
C VAL B 44 -21.86 -10.36 -2.08
N THR B 45 -22.50 -9.54 -1.23
CA THR B 45 -22.55 -9.77 0.23
C THR B 45 -23.84 -10.51 0.61
N LYS B 46 -24.93 -10.36 -0.14
CA LYS B 46 -26.14 -11.20 0.05
C LYS B 46 -26.98 -11.26 -1.22
N GLY B 47 -27.95 -12.18 -1.21
CA GLY B 47 -28.92 -12.32 -2.28
C GLY B 47 -28.28 -12.88 -3.52
N TYR B 48 -28.90 -12.56 -4.64
CA TYR B 48 -28.69 -13.18 -5.97
C TYR B 48 -28.85 -12.08 -7.01
N GLY B 49 -28.19 -12.28 -8.12
CA GLY B 49 -28.31 -11.40 -9.30
C GLY B 49 -27.63 -12.08 -10.45
N THR B 50 -27.71 -11.48 -11.64
CA THR B 50 -27.15 -12.05 -12.88
C THR B 50 -26.19 -11.00 -13.47
N PHE B 51 -25.06 -11.48 -14.01
CA PHE B 51 -24.04 -10.66 -14.70
C PHE B 51 -23.93 -11.23 -16.10
N LYS B 52 -24.19 -10.39 -17.11
N LYS B 52 -24.14 -10.38 -17.10
CA LYS B 52 -24.23 -10.75 -18.56
CA LYS B 52 -24.22 -10.74 -18.53
C LYS B 52 -23.11 -9.97 -19.26
C LYS B 52 -23.13 -9.97 -19.29
N PHE B 53 -22.24 -10.70 -19.95
CA PHE B 53 -21.03 -10.18 -20.62
C PHE B 53 -20.62 -11.15 -21.74
N ASN B 54 -20.48 -10.68 -22.97
CA ASN B 54 -19.94 -11.44 -24.14
C ASN B 54 -20.75 -12.72 -24.36
N GLY B 55 -22.08 -12.64 -24.26
CA GLY B 55 -23.00 -13.75 -24.55
C GLY B 55 -23.14 -14.72 -23.39
N LYS B 56 -22.44 -14.54 -22.29
CA LYS B 56 -22.52 -15.49 -21.14
C LYS B 56 -23.41 -14.86 -20.08
N VAL B 57 -24.17 -15.69 -19.36
CA VAL B 57 -25.09 -15.25 -18.29
C VAL B 57 -24.70 -16.00 -17.02
N TYR B 58 -24.17 -15.29 -16.03
CA TYR B 58 -23.72 -15.87 -14.75
C TYR B 58 -24.76 -15.55 -13.70
N ASN B 59 -25.17 -16.56 -12.95
CA ASN B 59 -26.07 -16.41 -11.79
C ASN B 59 -25.17 -16.34 -10.57
N LEU B 60 -25.12 -15.19 -9.91
CA LEU B 60 -24.15 -14.95 -8.82
C LEU B 60 -24.88 -14.86 -7.49
N LYS B 61 -24.16 -15.10 -6.42
CA LYS B 61 -24.70 -15.11 -5.04
C LYS B 61 -23.62 -14.63 -4.08
N GLN B 62 -23.91 -14.68 -2.79
CA GLN B 62 -22.98 -14.27 -1.70
C GLN B 62 -21.66 -15.00 -1.88
N GLY B 63 -20.54 -14.28 -1.82
CA GLY B 63 -19.18 -14.84 -1.99
C GLY B 63 -18.61 -14.56 -3.37
N ASP B 64 -19.45 -14.25 -4.35
CA ASP B 64 -19.05 -14.11 -5.76
C ASP B 64 -18.52 -12.69 -5.98
N ILE B 65 -17.63 -12.58 -6.95
CA ILE B 65 -16.99 -11.32 -7.41
C ILE B 65 -17.23 -11.20 -8.89
N PHE B 66 -17.48 -9.99 -9.39
CA PHE B 66 -17.42 -9.71 -10.84
C PHE B 66 -16.66 -8.42 -11.01
N ILE B 67 -15.92 -8.30 -12.10
CA ILE B 67 -15.10 -7.09 -12.35
C ILE B 67 -15.51 -6.46 -13.69
N LEU B 68 -15.77 -5.17 -13.66
CA LEU B 68 -16.09 -4.35 -14.86
C LEU B 68 -14.78 -3.70 -15.30
N LEU B 69 -14.48 -3.79 -16.57
CA LEU B 69 -13.27 -3.15 -17.15
C LEU B 69 -13.71 -2.23 -18.29
N LYS B 70 -12.95 -1.15 -18.49
CA LYS B 70 -13.24 -0.13 -19.52
C LYS B 70 -13.62 -0.84 -20.80
N GLY B 71 -14.77 -0.48 -21.38
CA GLY B 71 -15.14 -0.94 -22.73
C GLY B 71 -16.02 -2.16 -22.74
N MET B 72 -16.12 -2.90 -21.63
CA MET B 72 -17.02 -4.08 -21.56
C MET B 72 -18.48 -3.62 -21.69
N GLN B 73 -19.24 -4.30 -22.55
CA GLN B 73 -20.70 -4.09 -22.67
C GLN B 73 -21.35 -5.06 -21.68
N VAL B 74 -22.04 -4.55 -20.66
CA VAL B 74 -22.43 -5.42 -19.51
C VAL B 74 -23.89 -5.19 -19.13
N GLU B 75 -24.48 -6.21 -18.50
CA GLU B 75 -25.79 -6.06 -17.85
C GLU B 75 -25.71 -6.82 -16.51
N TYR B 76 -26.10 -6.19 -15.43
CA TYR B 76 -26.13 -6.84 -14.11
C TYR B 76 -27.40 -6.40 -13.42
N VAL B 77 -28.17 -7.39 -12.95
CA VAL B 77 -29.59 -7.22 -12.54
C VAL B 77 -29.82 -8.03 -11.28
N ALA B 78 -30.49 -7.42 -10.31
CA ALA B 78 -30.88 -8.09 -9.05
C ALA B 78 -31.98 -9.10 -9.36
N SER B 79 -31.92 -10.25 -8.67
CA SER B 79 -32.96 -11.31 -8.64
C SER B 79 -34.32 -10.70 -8.24
N ILE B 80 -35.42 -11.15 -8.87
CA ILE B 80 -36.81 -10.75 -8.51
C ILE B 80 -37.12 -11.20 -7.08
N ASP B 81 -36.70 -12.41 -6.72
CA ASP B 81 -37.14 -13.10 -5.48
C ASP B 81 -36.30 -12.61 -4.28
N ASP B 82 -34.99 -12.39 -4.48
CA ASP B 82 -34.02 -12.26 -3.37
C ASP B 82 -32.86 -11.37 -3.85
N PRO B 83 -33.07 -10.04 -3.93
CA PRO B 83 -32.16 -9.17 -4.67
C PRO B 83 -30.83 -8.98 -3.95
N TRP B 84 -29.73 -9.02 -4.69
CA TRP B 84 -28.37 -8.93 -4.11
C TRP B 84 -28.11 -7.56 -3.48
N GLU B 85 -27.24 -7.57 -2.48
CA GLU B 85 -26.42 -6.42 -2.07
C GLU B 85 -25.00 -6.67 -2.53
N TYR B 86 -24.34 -5.65 -3.09
CA TYR B 86 -22.90 -5.72 -3.44
C TYR B 86 -22.19 -4.47 -2.92
N TYR B 87 -20.91 -4.69 -2.59
CA TYR B 87 -19.89 -3.65 -2.30
C TYR B 87 -19.00 -3.50 -3.52
N TRP B 88 -18.59 -2.29 -3.87
CA TRP B 88 -17.68 -2.16 -5.03
C TRP B 88 -16.57 -1.15 -4.76
N ILE B 89 -15.41 -1.42 -5.36
CA ILE B 89 -14.22 -0.52 -5.40
C ILE B 89 -13.91 -0.24 -6.87
N GLY B 90 -13.94 1.03 -7.25
CA GLY B 90 -13.46 1.53 -8.56
C GLY B 90 -12.03 2.05 -8.41
N PHE B 91 -11.13 1.60 -9.27
CA PHE B 91 -9.69 1.96 -9.18
C PHE B 91 -9.08 2.10 -10.57
N SER B 92 -7.93 2.74 -10.63
CA SER B 92 -7.21 3.06 -11.90
C SER B 92 -5.70 3.21 -11.65
N GLY B 93 -4.95 3.49 -12.71
CA GLY B 93 -3.50 3.72 -12.67
C GLY B 93 -2.76 2.67 -13.45
N SER B 94 -1.57 3.02 -13.95
CA SER B 94 -0.66 2.11 -14.69
C SER B 94 -0.27 0.90 -13.85
N ASN B 95 -0.02 1.07 -12.55
CA ASN B 95 0.34 -0.09 -11.69
C ASN B 95 -0.89 -0.99 -11.58
N ALA B 96 -2.05 -0.40 -11.28
CA ALA B 96 -3.32 -1.16 -11.15
C ALA B 96 -3.48 -2.10 -12.37
N ASN B 97 -3.31 -1.57 -13.58
CA ASN B 97 -3.60 -2.30 -14.83
C ASN B 97 -2.52 -3.36 -15.05
N GLU B 98 -1.27 -3.11 -14.66
CA GLU B 98 -0.24 -4.17 -14.76
C GLU B 98 -0.62 -5.31 -13.80
N TYR B 99 -1.07 -5.00 -12.59
CA TYR B 99 -1.30 -6.05 -11.57
C TYR B 99 -2.52 -6.90 -11.96
N LEU B 100 -3.53 -6.26 -12.57
CA LEU B 100 -4.77 -6.95 -13.03
C LEU B 100 -4.42 -8.00 -14.09
N ASN B 101 -3.40 -7.77 -14.90
CA ASN B 101 -2.91 -8.72 -15.93
C ASN B 101 -2.11 -9.86 -15.30
N ARG B 102 -1.90 -9.86 -13.99
CA ARG B 102 -1.21 -10.97 -13.29
C ARG B 102 -2.22 -11.93 -12.66
N THR B 103 -3.52 -11.65 -12.78
CA THR B 103 -4.58 -12.48 -12.15
C THR B 103 -5.41 -13.15 -13.26
N SER B 104 -5.99 -14.31 -12.98
CA SER B 104 -6.84 -15.05 -13.97
C SER B 104 -8.27 -14.48 -13.98
N ILE B 105 -8.59 -13.61 -13.02
N ILE B 105 -8.60 -13.65 -12.99
CA ILE B 105 -9.93 -13.00 -12.83
CA ILE B 105 -9.93 -13.02 -12.82
C ILE B 105 -10.28 -12.15 -14.04
C ILE B 105 -10.27 -12.19 -14.07
N THR B 106 -9.31 -11.49 -14.68
CA THR B 106 -9.56 -10.56 -15.81
C THR B 106 -9.84 -11.30 -17.11
N ASN B 107 -9.76 -12.64 -17.13
CA ASN B 107 -10.15 -13.45 -18.30
C ASN B 107 -11.69 -13.50 -18.40
N SER B 108 -12.36 -14.17 -17.47
CA SER B 108 -13.84 -14.30 -17.45
C SER B 108 -14.52 -13.11 -16.75
N CYS B 109 -13.85 -12.43 -15.82
CA CYS B 109 -14.36 -11.26 -15.04
C CYS B 109 -15.35 -11.69 -13.94
N VAL B 110 -15.27 -12.92 -13.51
CA VAL B 110 -16.15 -13.50 -12.44
C VAL B 110 -15.29 -14.44 -11.63
N ALA B 111 -15.52 -14.52 -10.34
CA ALA B 111 -14.85 -15.53 -9.50
C ALA B 111 -15.70 -15.79 -8.26
N ASN B 112 -15.35 -16.84 -7.53
CA ASN B 112 -15.94 -17.18 -6.21
C ASN B 112 -14.83 -17.11 -5.16
N CYS B 113 -15.05 -16.37 -4.08
CA CYS B 113 -14.11 -16.28 -2.94
C CYS B 113 -14.17 -17.55 -2.10
N GLU B 114 -13.01 -18.20 -1.92
CA GLU B 114 -12.84 -19.38 -1.01
C GLU B 114 -13.11 -18.94 0.43
N GLU B 115 -13.31 -19.93 1.30
CA GLU B 115 -13.80 -19.83 2.71
C GLU B 115 -12.95 -18.81 3.48
N ASN B 116 -11.65 -18.85 3.29
CA ASN B 116 -10.63 -18.12 4.08
C ASN B 116 -10.09 -16.94 3.26
N SER B 117 -10.73 -16.57 2.15
CA SER B 117 -10.27 -15.47 1.26
C SER B 117 -10.05 -14.19 2.08
N LYS B 118 -9.00 -13.43 1.73
CA LYS B 118 -8.71 -12.11 2.35
C LYS B 118 -9.44 -11.00 1.61
N ILE B 119 -10.06 -11.30 0.46
CA ILE B 119 -10.62 -10.25 -0.44
C ILE B 119 -11.83 -9.58 0.21
N PRO B 120 -12.82 -10.32 0.77
CA PRO B 120 -14.00 -9.70 1.34
C PRO B 120 -13.69 -8.69 2.44
N GLN B 121 -12.80 -9.01 3.39
CA GLN B 121 -12.45 -8.08 4.49
C GLN B 121 -11.84 -6.79 3.92
N ILE B 122 -11.00 -6.89 2.89
CA ILE B 122 -10.36 -5.68 2.30
C ILE B 122 -11.44 -4.79 1.68
N ILE B 123 -12.34 -5.35 0.88
CA ILE B 123 -13.36 -4.55 0.16
C ILE B 123 -14.29 -3.90 1.18
N LEU B 124 -14.70 -4.63 2.23
CA LEU B 124 -15.64 -4.13 3.27
C LEU B 124 -14.96 -3.00 4.04
N ASN B 125 -13.68 -3.20 4.39
CA ASN B 125 -12.85 -2.19 5.09
C ASN B 125 -12.69 -0.93 4.21
N MET B 126 -12.46 -1.03 2.91
CA MET B 126 -12.32 0.21 2.08
C MET B 126 -13.66 0.97 2.07
N CYS B 127 -14.79 0.28 1.98
CA CYS B 127 -16.13 0.91 1.97
C CYS B 127 -16.40 1.58 3.32
N GLU B 128 -16.06 0.93 4.44
CA GLU B 128 -16.17 1.50 5.81
C GLU B 128 -15.38 2.80 5.91
N ILE B 129 -14.13 2.81 5.48
CA ILE B 129 -13.26 4.03 5.52
C ILE B 129 -13.94 5.12 4.67
N SER B 130 -14.50 4.75 3.52
CA SER B 130 -15.10 5.71 2.55
C SER B 130 -16.29 6.44 3.18
N LYS B 131 -17.00 5.84 4.12
CA LYS B 131 -18.22 6.43 4.76
C LYS B 131 -17.86 7.72 5.49
N THR B 132 -16.67 7.82 6.09
CA THR B 132 -16.25 9.00 6.88
C THR B 132 -14.88 9.48 6.39
N TYR B 133 -14.60 9.31 5.11
CA TYR B 133 -13.31 9.65 4.47
C TYR B 133 -12.83 11.01 4.98
N ASN B 134 -11.65 11.04 5.58
CA ASN B 134 -11.02 12.27 6.09
C ASN B 134 -9.55 12.27 5.69
N PRO B 135 -9.18 12.99 4.60
CA PRO B 135 -7.79 13.06 4.14
C PRO B 135 -6.83 13.69 5.15
N SER B 136 -7.33 14.63 5.95
CA SER B 136 -6.53 15.33 6.99
C SER B 136 -6.14 14.32 8.08
N ARG B 137 -6.90 13.25 8.31
CA ARG B 137 -6.49 12.09 9.15
C ARG B 137 -5.80 10.98 8.32
N SER B 138 -5.35 11.27 7.09
CA SER B 138 -4.54 10.35 6.22
C SER B 138 -5.31 9.08 5.82
N ASP B 139 -6.64 9.17 5.70
CA ASP B 139 -7.48 8.09 5.10
C ASP B 139 -7.10 7.85 3.65
N ASP B 140 -6.55 8.84 2.96
CA ASP B 140 -6.07 8.71 1.56
C ASP B 140 -4.92 7.68 1.50
N ILE B 141 -4.01 7.70 2.45
CA ILE B 141 -2.87 6.74 2.53
C ILE B 141 -3.43 5.35 2.78
N LEU B 142 -4.39 5.26 3.70
CA LEU B 142 -4.96 3.96 4.13
C LEU B 142 -5.73 3.29 2.98
N LEU B 143 -6.47 4.06 2.19
CA LEU B 143 -7.23 3.50 1.04
C LEU B 143 -6.25 2.94 0.00
N LEU B 144 -5.12 3.61 -0.22
CA LEU B 144 -4.11 3.15 -1.19
C LEU B 144 -3.43 1.89 -0.68
N LYS B 145 -3.05 1.84 0.59
CA LYS B 145 -2.52 0.62 1.25
C LYS B 145 -3.49 -0.54 0.99
N GLU B 146 -4.76 -0.33 1.27
CA GLU B 146 -5.81 -1.37 1.11
C GLU B 146 -5.96 -1.77 -0.36
N LEU B 147 -5.76 -0.84 -1.31
CA LEU B 147 -5.90 -1.19 -2.74
C LEU B 147 -4.71 -2.07 -3.17
N TYR B 148 -3.51 -1.77 -2.70
CA TYR B 148 -2.33 -2.63 -2.96
C TYR B 148 -2.59 -4.01 -2.33
N SER B 149 -3.11 -4.07 -1.11
CA SER B 149 -3.46 -5.36 -0.45
C SER B 149 -4.47 -6.13 -1.27
N LEU B 150 -5.50 -5.45 -1.79
CA LEU B 150 -6.59 -6.08 -2.59
C LEU B 150 -5.99 -6.75 -3.84
N LEU B 151 -5.17 -6.03 -4.59
CA LEU B 151 -4.60 -6.52 -5.87
C LEU B 151 -3.62 -7.66 -5.58
N TYR B 152 -2.85 -7.58 -4.49
CA TYR B 152 -1.98 -8.69 -4.02
C TYR B 152 -2.84 -9.91 -3.73
N ALA B 153 -3.95 -9.72 -3.02
CA ALA B 153 -4.88 -10.81 -2.62
C ALA B 153 -5.50 -11.45 -3.87
N LEU B 154 -5.85 -10.66 -4.90
CA LEU B 154 -6.44 -11.21 -6.16
C LEU B 154 -5.40 -12.13 -6.82
N ILE B 155 -4.12 -11.73 -6.82
CA ILE B 155 -3.05 -12.48 -7.54
C ILE B 155 -2.74 -13.75 -6.76
N GLU B 156 -2.70 -13.66 -5.43
CA GLU B 156 -2.46 -14.82 -4.55
C GLU B 156 -3.56 -15.85 -4.77
N GLU B 157 -4.83 -15.45 -4.76
CA GLU B 157 -5.97 -16.39 -4.76
C GLU B 157 -6.36 -16.79 -6.18
N PHE B 158 -6.02 -15.98 -7.20
CA PHE B 158 -6.43 -16.19 -8.61
C PHE B 158 -5.24 -15.89 -9.51
N PRO B 159 -4.13 -16.64 -9.34
CA PRO B 159 -2.92 -16.42 -10.14
C PRO B 159 -3.04 -16.88 -11.59
N LYS B 160 -2.41 -16.13 -12.51
CA LYS B 160 -2.05 -16.62 -13.85
C LYS B 160 -0.79 -17.47 -13.69
N PRO B 161 -0.64 -18.61 -14.40
CA PRO B 161 0.65 -19.33 -14.38
C PRO B 161 1.82 -18.43 -14.83
N PHE B 162 3.01 -18.58 -14.23
CA PHE B 162 4.19 -17.68 -14.36
C PHE B 162 4.91 -17.91 -15.70
C1 FRU C . 25.43 8.67 -1.19
C2 FRU C . 25.97 7.32 -0.74
C3 FRU C . 25.29 6.68 0.49
C4 FRU C . 26.45 5.86 1.06
C5 FRU C . 27.56 6.88 0.94
C6 FRU C . 28.98 6.34 1.01
O1 FRU C . 24.04 8.61 -1.54
O2 FRU C . 25.90 6.45 -1.84
O3 FRU C . 24.12 5.92 0.22
O4 FRU C . 26.25 5.49 2.42
O5 FRU C . 27.33 7.52 -0.34
O6 FRU C . 29.84 7.34 1.55
C1 GAL C . 25.28 4.49 2.66
C2 GAL C . 25.72 3.71 3.90
C3 GAL C . 24.64 2.72 4.33
C4 GAL C . 23.26 3.35 4.41
C5 GAL C . 22.98 4.07 3.08
C6 GAL C . 21.64 4.80 3.01
O2 GAL C . 26.94 3.04 3.58
O3 GAL C . 25.02 2.20 5.61
O4 GAL C . 23.24 4.25 5.52
O5 GAL C . 24.00 5.07 2.87
O6 GAL C . 21.42 5.44 1.70
C1 FRU D . -21.23 4.59 -16.10
C2 FRU D . -22.21 4.69 -14.95
C3 FRU D . -22.11 3.58 -13.87
C4 FRU D . -23.56 3.52 -13.38
C5 FRU D . -24.26 3.54 -14.75
C6 FRU D . -25.75 3.81 -14.77
O1 FRU D . -19.92 4.86 -15.63
O2 FRU D . -21.98 5.93 -14.33
O3 FRU D . -21.15 3.76 -12.84
O4 FRU D . -23.84 2.34 -12.64
O5 FRU D . -23.54 4.59 -15.46
O6 FRU D . -26.15 4.61 -13.68
C1 GAL D . -23.29 2.19 -11.33
C2 GAL D . -24.21 1.23 -10.58
C3 GAL D . -23.65 0.85 -9.21
C4 GAL D . -22.23 0.30 -9.33
C5 GAL D . -21.39 1.35 -10.09
C6 GAL D . -19.96 0.92 -10.38
O2 GAL D . -25.49 1.84 -10.43
O3 GAL D . -24.52 -0.12 -8.61
O4 GAL D . -22.24 -0.97 -9.99
O5 GAL D . -21.98 1.63 -11.37
O6 GAL D . -19.26 1.95 -11.09
#